data_8U5J
#
_entry.id   8U5J
#
_cell.length_a   55.660
_cell.length_b   55.660
_cell.length_c   65.715
_cell.angle_alpha   90.000
_cell.angle_beta   90.000
_cell.angle_gamma   120.000
#
_symmetry.space_group_name_H-M   'P 32 2 1'
#
loop_
_entity.id
_entity.type
_entity.pdbx_description
1 polymer 'Mango III variant'
2 non-polymer 'POTASSIUM ION'
3 non-polymer 'DIMETHYL SULFOXIDE'
4 non-polymer 2-[(E)-(1,7-dimethylquinolin-4(1H)-ylidene)methyl]-3-{2,16-dioxo-20-[(3aR,4S,6aR)-2-oxohexahydro-1H-thieno[3,4-d]imidazol-4-yl]-6,9,12-trioxa-3,15-diazaicosan-1-yl}-1,3-benzothiazol-3-ium
5 water water
#
_entity_poly.entity_id   1
_entity_poly.type   'polyribonucleotide'
_entity_poly.pdbx_seq_one_letter_code
;GUACGAAGGAAGGUUUGGUAUGUGGUAGAUUCGUAC
;
_entity_poly.pdbx_strand_id   A
#